data_7E3M
#
_entry.id   7E3M
#
_cell.length_a   62.446
_cell.length_b   62.446
_cell.length_c   159.766
_cell.angle_alpha   90.000
_cell.angle_beta   90.000
_cell.angle_gamma   90.000
#
_symmetry.space_group_name_H-M   'P 41 21 2'
#
loop_
_entity.id
_entity.type
_entity.pdbx_description
1 polymer 'Nuclear receptor ROR-gamma'
2 polymer LYS-ILE-LEU-HIS-ARG-LEU-LEU-GLN
3 non-polymer (3R,5R,6S,8R,9R,10R,12R,13R,14R,17S)-4,4,8,10,14-pentamethyl-17-[(2R)-2,6,6-trimethyloxan-2-yl]-2,3,5,6,7,9,11,12,13,15,16,17-dodecahydro-1H-cyclopenta[a]phenanthrene-3,6,12-triol
4 water water
#
loop_
_entity_poly.entity_id
_entity_poly.type
_entity_poly.pdbx_seq_one_letter_code
_entity_poly.pdbx_strand_id
1 'polypeptide(L)'
;ASLTEIEHLVQSVCKSYRETCQLRLEDLLRQRSNIFSREEVTGYQRKSMWEMWERCAHHLTEAIQYVVEFAKRLSGFMEL
CQNDQIVLLKAGAMEVVLVRMCRAYNADNRTVFFEGKYGGMELFRALGCSELISSIFDFSHSLSALHFSEDEIALYTALV
LINAHRPGLQEKRKVEQLQYNLELAFHHHLCKTHRQSILAKLPPKGKLRSLCSQHVERLQIFQHLHPIVVQAAFPPLYKE
LFS
;
A
2 'polypeptide(L)' KILHRLLQ B
#
# COMPACT_ATOMS: atom_id res chain seq x y z
N ALA A 1 23.33 12.19 -8.26
CA ALA A 1 24.81 12.09 -8.44
C ALA A 1 25.51 13.34 -7.84
N SER A 2 25.17 13.67 -6.59
CA SER A 2 25.76 14.81 -5.83
C SER A 2 25.03 15.00 -4.48
N LEU A 3 25.76 15.37 -3.44
CA LEU A 3 25.21 15.42 -2.09
C LEU A 3 23.97 16.31 -1.96
N THR A 4 23.94 17.47 -2.61
CA THR A 4 22.76 18.35 -2.46
C THR A 4 21.61 17.93 -3.38
N GLU A 5 21.93 17.38 -4.55
CA GLU A 5 20.92 16.79 -5.44
C GLU A 5 20.14 15.72 -4.68
N ILE A 6 20.85 15.01 -3.81
CA ILE A 6 20.30 13.90 -3.04
C ILE A 6 19.51 14.41 -1.87
N GLU A 7 20.01 15.44 -1.20
CA GLU A 7 19.29 16.07 -0.09
C GLU A 7 18.00 16.61 -0.61
N HIS A 8 17.99 16.97 -1.89
CA HIS A 8 16.85 17.66 -2.48
C HIS A 8 15.82 16.69 -3.01
N LEU A 9 16.29 15.54 -3.49
CA LEU A 9 15.44 14.41 -3.87
C LEU A 9 14.58 13.97 -2.68
N VAL A 10 15.24 13.87 -1.52
CA VAL A 10 14.59 13.52 -0.26
C VAL A 10 13.40 14.41 0.01
N GLN A 11 13.52 15.71 -0.24
CA GLN A 11 12.46 16.63 0.16
C GLN A 11 11.28 16.50 -0.78
N SER A 12 11.58 16.25 -2.05
CA SER A 12 10.55 16.19 -3.05
C SER A 12 9.72 14.94 -2.84
N VAL A 13 10.38 13.84 -2.53
CA VAL A 13 9.69 12.59 -2.23
C VAL A 13 8.84 12.77 -0.97
N CYS A 14 9.45 13.28 0.09
CA CYS A 14 8.69 13.55 1.30
C CYS A 14 7.49 14.42 0.99
N LYS A 15 7.68 15.40 0.11
CA LYS A 15 6.61 16.34 -0.22
C LYS A 15 5.52 15.63 -1.00
N SER A 16 5.89 14.93 -2.07
CA SER A 16 4.97 14.07 -2.86
C SER A 16 4.12 13.17 -2.00
N TYR A 17 4.73 12.59 -0.98
CA TYR A 17 4.00 11.74 -0.09
C TYR A 17 2.93 12.53 0.74
N ARG A 18 3.33 13.60 1.42
CA ARG A 18 2.37 14.40 2.18
C ARG A 18 1.17 14.83 1.32
N GLU A 19 1.38 15.09 0.04
CA GLU A 19 0.29 15.56 -0.80
C GLU A 19 -0.64 14.42 -1.26
N THR A 20 -0.28 13.17 -0.98
CA THR A 20 -0.95 12.03 -1.61
C THR A 20 -1.30 10.93 -0.63
N CYS A 21 -1.28 11.20 0.65
CA CYS A 21 -1.33 10.10 1.59
C CYS A 21 -2.73 9.76 2.11
N GLN A 22 -3.73 10.54 1.69
CA GLN A 22 -5.15 10.10 1.80
C GLN A 22 -5.75 10.39 3.16
N LEU A 23 -5.15 9.82 4.20
CA LEU A 23 -5.55 10.10 5.56
C LEU A 23 -4.39 10.76 6.26
N ARG A 24 -4.67 11.83 7.01
CA ARG A 24 -3.66 12.53 7.80
C ARG A 24 -3.38 11.67 9.01
N LEU A 25 -2.12 11.60 9.43
CA LEU A 25 -1.77 10.80 10.61
C LEU A 25 -2.48 11.23 11.92
N GLU A 26 -2.46 12.54 12.23
CA GLU A 26 -3.14 13.10 13.41
C GLU A 26 -4.52 12.50 13.61
N ASP A 27 -5.34 12.60 12.54
CA ASP A 27 -6.72 12.10 12.52
C ASP A 27 -6.82 10.61 12.84
N LEU A 28 -5.89 9.84 12.28
CA LEU A 28 -5.85 8.40 12.52
C LEU A 28 -5.51 8.13 13.96
N LEU A 29 -4.60 8.93 14.51
CA LEU A 29 -4.31 8.82 15.94
C LEU A 29 -5.48 9.31 16.83
N ARG A 30 -6.13 10.43 16.51
CA ARG A 30 -7.32 10.86 17.28
C ARG A 30 -8.29 9.69 17.48
N GLN A 31 -8.58 9.03 16.38
CA GLN A 31 -9.66 8.11 16.27
C GLN A 31 -9.42 6.79 16.99
N ARG A 32 -8.21 6.57 17.47
CA ARG A 32 -7.88 5.25 18.03
C ARG A 32 -8.84 4.74 19.11
N SER A 33 -9.44 5.64 19.87
CA SER A 33 -10.41 5.28 20.92
C SER A 33 -11.83 5.13 20.39
N ASN A 34 -12.08 5.65 19.19
CA ASN A 34 -13.31 5.35 18.52
C ASN A 34 -13.30 3.87 18.02
N ILE A 35 -13.54 2.93 18.93
CA ILE A 35 -13.54 1.51 18.63
C ILE A 35 -14.95 0.99 18.37
N PHE A 36 -15.09 -0.03 17.52
CA PHE A 36 -16.39 -0.64 17.20
C PHE A 36 -16.88 -1.45 18.40
N SER A 37 -18.16 -1.28 18.74
CA SER A 37 -18.76 -2.05 19.82
C SER A 37 -19.04 -3.47 19.36
N ARG A 38 -19.34 -4.37 20.29
CA ARG A 38 -19.61 -5.78 19.95
C ARG A 38 -20.83 -5.96 19.01
N GLU A 39 -21.82 -5.08 19.11
CA GLU A 39 -23.04 -5.20 18.32
C GLU A 39 -22.71 -4.88 16.86
N GLU A 40 -22.00 -3.76 16.67
CA GLU A 40 -21.48 -3.36 15.36
C GLU A 40 -20.61 -4.45 14.70
N VAL A 41 -19.74 -5.08 15.49
CA VAL A 41 -18.85 -6.10 14.97
C VAL A 41 -19.67 -7.25 14.50
N THR A 42 -20.74 -7.54 15.21
CA THR A 42 -21.67 -8.61 14.81
C THR A 42 -22.39 -8.25 13.52
N GLY A 43 -22.79 -6.98 13.41
CA GLY A 43 -23.37 -6.43 12.20
C GLY A 43 -22.54 -6.75 10.99
N TYR A 44 -21.22 -6.58 11.13
CA TYR A 44 -20.28 -6.82 10.04
C TYR A 44 -20.08 -8.29 9.77
N GLN A 45 -19.97 -9.07 10.83
CA GLN A 45 -19.80 -10.51 10.69
C GLN A 45 -21.07 -11.17 10.11
N ARG A 46 -22.19 -10.46 10.11
CA ARG A 46 -23.42 -11.02 9.55
C ARG A 46 -23.80 -10.47 8.18
N LYS A 47 -23.07 -9.49 7.66
CA LYS A 47 -23.12 -9.15 6.25
C LYS A 47 -22.64 -10.32 5.43
N SER A 48 -23.22 -10.45 4.24
CA SER A 48 -22.89 -11.52 3.36
C SER A 48 -21.47 -11.39 2.86
N MET A 49 -20.93 -12.51 2.44
CA MET A 49 -19.59 -12.54 1.99
C MET A 49 -19.39 -11.55 0.86
N TRP A 50 -20.30 -11.57 -0.11
CA TRP A 50 -20.10 -10.76 -1.28
C TRP A 50 -20.31 -9.30 -0.99
N GLU A 51 -21.21 -8.93 -0.08
CA GLU A 51 -21.37 -7.51 0.22
C GLU A 51 -20.06 -7.01 0.82
N MET A 52 -19.37 -7.88 1.54
CA MET A 52 -18.24 -7.45 2.34
C MET A 52 -16.96 -7.33 1.50
N TRP A 53 -16.73 -8.29 0.59
CA TRP A 53 -15.72 -8.19 -0.47
C TRP A 53 -15.84 -6.94 -1.34
N GLU A 54 -17.06 -6.58 -1.67
CA GLU A 54 -17.32 -5.41 -2.49
C GLU A 54 -16.96 -4.14 -1.74
N ARG A 55 -17.36 -4.05 -0.48
CA ARG A 55 -16.96 -2.91 0.35
C ARG A 55 -15.44 -2.80 0.51
N CYS A 56 -14.78 -3.89 0.88
CA CYS A 56 -13.33 -3.88 1.03
C CYS A 56 -12.63 -3.48 -0.27
N ALA A 57 -13.16 -3.91 -1.41
CA ALA A 57 -12.54 -3.66 -2.71
C ALA A 57 -12.62 -2.22 -3.15
N HIS A 58 -13.64 -1.53 -2.67
CA HIS A 58 -13.86 -0.12 -2.97
C HIS A 58 -12.88 0.71 -2.15
N HIS A 59 -12.70 0.35 -0.89
CA HIS A 59 -11.74 1.07 -0.05
C HIS A 59 -10.35 0.93 -0.57
N LEU A 60 -9.97 -0.30 -0.88
CA LEU A 60 -8.66 -0.59 -1.43
C LEU A 60 -8.41 0.24 -2.68
N THR A 61 -9.41 0.31 -3.53
CA THR A 61 -9.33 1.07 -4.77
C THR A 61 -9.19 2.58 -4.53
N GLU A 62 -9.88 3.13 -3.55
CA GLU A 62 -9.69 4.52 -3.15
C GLU A 62 -8.24 4.69 -2.77
N ALA A 63 -7.72 3.78 -1.97
CA ALA A 63 -6.38 3.90 -1.46
C ALA A 63 -5.37 3.78 -2.61
N ILE A 64 -5.61 2.86 -3.55
CA ILE A 64 -4.71 2.65 -4.67
C ILE A 64 -4.64 3.88 -5.57
N GLN A 65 -5.72 4.67 -5.57
CA GLN A 65 -5.81 5.83 -6.41
C GLN A 65 -4.85 6.89 -5.91
N TYR A 66 -4.75 7.01 -4.62
CA TYR A 66 -3.79 7.94 -4.05
C TYR A 66 -2.36 7.50 -4.36
N VAL A 67 -2.16 6.19 -4.46
CA VAL A 67 -0.85 5.64 -4.77
C VAL A 67 -0.45 5.98 -6.20
N VAL A 68 -1.40 5.94 -7.12
CA VAL A 68 -1.13 6.36 -8.48
C VAL A 68 -0.70 7.85 -8.50
N GLU A 69 -1.43 8.67 -7.75
CA GLU A 69 -1.19 10.08 -7.78
C GLU A 69 0.17 10.32 -7.16
N PHE A 70 0.57 9.48 -6.20
CA PHE A 70 1.88 9.59 -5.57
C PHE A 70 2.94 9.32 -6.62
N ALA A 71 2.76 8.20 -7.33
CA ALA A 71 3.60 7.85 -8.50
C ALA A 71 3.78 9.02 -9.49
N LYS A 72 2.68 9.67 -9.83
CA LYS A 72 2.74 10.75 -10.82
C LYS A 72 3.57 11.95 -10.34
N ARG A 73 3.54 12.22 -9.04
CA ARG A 73 4.30 13.34 -8.49
C ARG A 73 5.69 12.91 -8.12
N LEU A 74 6.03 11.67 -8.39
CA LEU A 74 7.32 11.18 -7.96
C LEU A 74 8.35 11.64 -8.98
N SER A 75 9.40 12.26 -8.47
CA SER A 75 10.48 12.77 -9.31
C SER A 75 11.05 11.64 -10.16
N GLY A 76 10.81 11.66 -11.47
CA GLY A 76 11.37 10.65 -12.33
C GLY A 76 10.35 9.72 -12.97
N PHE A 77 9.25 9.46 -12.25
CA PHE A 77 8.30 8.45 -12.69
C PHE A 77 7.74 8.79 -14.06
N MET A 78 7.18 10.00 -14.18
CA MET A 78 6.55 10.46 -15.41
C MET A 78 7.50 10.56 -16.60
N GLU A 79 8.81 10.60 -16.32
CA GLU A 79 9.79 10.65 -17.37
C GLU A 79 10.10 9.25 -17.91
N LEU A 80 9.53 8.21 -17.30
CA LEU A 80 9.63 6.85 -17.86
C LEU A 80 8.58 6.65 -18.98
N CYS A 81 8.71 5.58 -19.76
CA CYS A 81 7.73 5.30 -20.82
C CYS A 81 6.46 4.67 -20.26
N GLN A 82 5.34 4.84 -20.94
CA GLN A 82 4.06 4.41 -20.39
C GLN A 82 3.97 2.88 -20.17
N ASN A 83 4.78 2.07 -20.87
CA ASN A 83 4.79 0.62 -20.60
C ASN A 83 5.27 0.35 -19.19
N ASP A 84 6.33 1.05 -18.81
CA ASP A 84 7.02 0.80 -17.56
C ASP A 84 6.27 1.44 -16.37
N GLN A 85 5.63 2.59 -16.60
CA GLN A 85 4.78 3.20 -15.60
C GLN A 85 3.67 2.22 -15.23
N ILE A 86 3.11 1.58 -16.24
CA ILE A 86 2.01 0.65 -15.99
C ILE A 86 2.55 -0.58 -15.27
N VAL A 87 3.58 -1.21 -15.82
CA VAL A 87 4.27 -2.30 -15.16
C VAL A 87 4.53 -2.02 -13.68
N LEU A 88 5.19 -0.90 -13.38
CA LEU A 88 5.57 -0.60 -12.01
C LEU A 88 4.35 -0.51 -11.10
N LEU A 89 3.28 0.11 -11.58
CA LEU A 89 2.09 0.30 -10.78
C LEU A 89 1.29 -0.98 -10.60
N LYS A 90 1.16 -1.76 -11.65
CA LYS A 90 0.53 -3.07 -11.55
C LYS A 90 1.21 -3.88 -10.51
N ALA A 91 2.52 -3.93 -10.54
CA ALA A 91 3.28 -4.70 -9.56
C ALA A 91 3.18 -4.12 -8.15
N GLY A 92 3.28 -2.81 -7.98
CA GLY A 92 3.60 -2.26 -6.67
C GLY A 92 2.59 -1.33 -6.04
N ALA A 93 1.57 -0.89 -6.76
CA ALA A 93 0.49 -0.11 -6.13
C ALA A 93 0.06 -0.69 -4.80
N MET A 94 -0.20 -1.99 -4.81
CA MET A 94 -0.72 -2.72 -3.67
C MET A 94 0.30 -2.88 -2.59
N GLU A 95 1.54 -3.17 -2.96
CA GLU A 95 2.63 -3.26 -2.00
C GLU A 95 2.77 -1.96 -1.21
N VAL A 96 2.71 -0.83 -1.93
CA VAL A 96 2.69 0.44 -1.29
C VAL A 96 1.53 0.55 -0.30
N VAL A 97 0.34 0.20 -0.76
CA VAL A 97 -0.79 0.20 0.16
C VAL A 97 -0.47 -0.67 1.36
N LEU A 98 0.15 -1.83 1.17
CA LEU A 98 0.45 -2.68 2.35
C LEU A 98 1.36 -2.04 3.41
N VAL A 99 2.10 -1.02 2.99
CA VAL A 99 3.00 -0.27 3.87
C VAL A 99 2.28 0.96 4.47
N ARG A 100 1.62 1.72 3.62
CA ARG A 100 0.82 2.85 4.05
C ARG A 100 -0.14 2.44 5.19
N MET A 101 -0.81 1.31 5.05
CA MET A 101 -1.85 0.91 5.99
C MET A 101 -1.39 0.81 7.45
N CYS A 102 -0.10 0.63 7.70
CA CYS A 102 0.37 0.60 9.08
C CYS A 102 0.19 1.92 9.84
N ARG A 103 -0.07 3.03 9.15
CA ARG A 103 -0.34 4.27 9.89
C ARG A 103 -1.70 4.15 10.58
N ALA A 104 -2.57 3.34 9.98
CA ALA A 104 -3.93 3.10 10.42
C ALA A 104 -4.09 1.84 11.28
N TYR A 105 -2.99 1.22 11.67
CA TYR A 105 -3.04 0.06 12.55
C TYR A 105 -2.56 0.46 13.92
N ASN A 106 -3.28 0.01 14.95
CA ASN A 106 -2.91 0.26 16.31
C ASN A 106 -2.41 -0.99 16.99
N ALA A 107 -1.13 -1.00 17.31
CA ALA A 107 -0.48 -2.17 17.90
C ALA A 107 -0.94 -2.52 19.32
N ASP A 108 -1.49 -1.54 20.06
CA ASP A 108 -1.85 -1.74 21.47
C ASP A 108 -3.05 -2.66 21.63
N ASN A 109 -4.01 -2.53 20.71
CA ASN A 109 -5.26 -3.31 20.73
C ASN A 109 -5.46 -4.15 19.46
N ARG A 110 -4.43 -4.24 18.63
CA ARG A 110 -4.45 -5.02 17.40
C ARG A 110 -5.63 -4.66 16.50
N THR A 111 -5.81 -3.38 16.22
CA THR A 111 -6.90 -2.95 15.38
C THR A 111 -6.46 -2.08 14.22
N VAL A 112 -7.43 -1.82 13.34
CA VAL A 112 -7.19 -1.22 12.07
C VAL A 112 -8.35 -0.33 11.78
N PHE A 113 -8.07 0.81 11.15
CA PHE A 113 -9.12 1.80 10.85
C PHE A 113 -9.96 1.33 9.69
N PHE A 114 -11.28 1.38 9.85
CA PHE A 114 -12.13 0.93 8.78
C PHE A 114 -13.45 1.61 8.91
N GLU A 115 -13.88 2.27 7.85
CA GLU A 115 -15.22 2.82 7.83
C GLU A 115 -15.55 3.54 9.14
N GLY A 116 -14.70 4.48 9.54
CA GLY A 116 -15.03 5.42 10.61
C GLY A 116 -14.34 5.16 11.91
N LYS A 117 -13.99 3.90 12.15
CA LYS A 117 -13.57 3.42 13.46
C LYS A 117 -12.58 2.26 13.40
N TYR A 118 -12.09 1.87 14.58
CA TYR A 118 -11.13 0.81 14.67
C TYR A 118 -11.77 -0.52 14.98
N GLY A 119 -11.27 -1.57 14.32
CA GLY A 119 -11.67 -2.93 14.66
C GLY A 119 -10.56 -3.94 14.47
N GLY A 120 -10.69 -5.06 15.18
CA GLY A 120 -9.76 -6.19 15.10
C GLY A 120 -10.10 -7.04 13.91
N MET A 121 -9.34 -8.10 13.72
CA MET A 121 -9.57 -8.92 12.55
C MET A 121 -10.87 -9.68 12.58
N GLU A 122 -11.48 -9.84 13.75
CA GLU A 122 -12.80 -10.51 13.85
C GLU A 122 -13.88 -9.72 13.12
N LEU A 123 -13.63 -8.43 12.94
CA LEU A 123 -14.45 -7.57 12.08
C LEU A 123 -14.67 -8.10 10.64
N PHE A 124 -13.72 -8.89 10.11
CA PHE A 124 -13.66 -9.29 8.70
C PHE A 124 -13.95 -10.76 8.46
N ARG A 125 -14.41 -11.46 9.49
CA ARG A 125 -14.70 -12.89 9.43
C ARG A 125 -15.61 -13.27 8.26
N ALA A 126 -16.60 -12.43 7.94
CA ALA A 126 -17.51 -12.66 6.80
C ALA A 126 -16.86 -12.85 5.43
N LEU A 127 -15.62 -12.40 5.27
CA LEU A 127 -14.90 -12.52 4.01
C LEU A 127 -14.49 -13.93 3.71
N GLY A 128 -14.30 -14.71 4.75
CA GLY A 128 -13.86 -16.06 4.57
C GLY A 128 -12.46 -16.12 3.99
N CYS A 129 -11.50 -15.52 4.70
CA CYS A 129 -10.10 -15.63 4.30
C CYS A 129 -9.17 -15.21 5.40
N SER A 130 -9.31 -15.86 6.55
CA SER A 130 -8.63 -15.41 7.75
C SER A 130 -7.11 -15.57 7.71
N GLU A 131 -6.61 -16.43 6.82
CA GLU A 131 -5.15 -16.55 6.65
C GLU A 131 -4.62 -15.23 6.02
N LEU A 132 -5.37 -14.68 5.07
CA LEU A 132 -4.97 -13.42 4.47
C LEU A 132 -5.11 -12.28 5.46
N ILE A 133 -6.25 -12.20 6.15
CA ILE A 133 -6.49 -11.10 7.08
C ILE A 133 -5.34 -11.06 8.07
N SER A 134 -5.05 -12.21 8.68
CA SER A 134 -4.09 -12.22 9.77
C SER A 134 -2.65 -12.06 9.28
N SER A 135 -2.37 -12.33 8.01
CA SER A 135 -1.07 -12.00 7.43
C SER A 135 -0.94 -10.49 7.28
N ILE A 136 -2.05 -9.86 6.98
CA ILE A 136 -2.06 -8.42 6.84
C ILE A 136 -1.93 -7.70 8.19
N PHE A 137 -2.60 -8.20 9.21
CA PHE A 137 -2.46 -7.65 10.55
C PHE A 137 -1.07 -7.93 11.10
N ASP A 138 -0.50 -9.09 10.77
CA ASP A 138 0.86 -9.43 11.24
C ASP A 138 1.88 -8.59 10.50
N PHE A 139 1.62 -8.30 9.23
CA PHE A 139 2.53 -7.44 8.54
C PHE A 139 2.48 -6.04 9.13
N SER A 140 1.28 -5.49 9.27
CA SER A 140 1.10 -4.18 9.87
C SER A 140 1.72 -4.16 11.25
N HIS A 141 1.58 -5.22 12.01
CA HIS A 141 2.18 -5.30 13.33
C HIS A 141 3.72 -5.17 13.26
N SER A 142 4.35 -5.96 12.41
CA SER A 142 5.79 -5.98 12.34
C SER A 142 6.39 -4.61 11.90
N LEU A 143 5.72 -3.93 10.98
CA LEU A 143 6.09 -2.55 10.61
C LEU A 143 5.91 -1.57 11.75
N SER A 144 4.83 -1.69 12.52
CA SER A 144 4.61 -0.80 13.66
C SER A 144 5.73 -0.91 14.68
N ALA A 145 6.38 -2.05 14.76
CA ALA A 145 7.56 -2.19 15.61
C ALA A 145 8.81 -1.40 15.16
N LEU A 146 8.81 -0.79 13.98
CA LEU A 146 9.95 0.04 13.55
C LEU A 146 9.67 1.48 13.84
N HIS A 147 8.47 1.81 14.30
CA HIS A 147 8.15 3.20 14.56
C HIS A 147 8.66 4.09 13.43
N PHE A 148 8.12 3.89 12.24
CA PHE A 148 8.45 4.76 11.11
C PHE A 148 8.10 6.22 11.38
N SER A 149 8.90 7.13 10.84
CA SER A 149 8.44 8.52 10.62
C SER A 149 7.66 8.62 9.30
N GLU A 150 6.96 9.72 9.06
CA GLU A 150 6.33 9.89 7.76
C GLU A 150 7.40 9.98 6.65
N ASP A 151 8.50 10.68 6.93
CA ASP A 151 9.58 10.86 5.96
C ASP A 151 10.11 9.52 5.59
N GLU A 152 10.25 8.66 6.60
CA GLU A 152 10.73 7.30 6.37
C GLU A 152 9.75 6.50 5.50
N ILE A 153 8.47 6.69 5.72
CA ILE A 153 7.44 6.00 4.94
C ILE A 153 7.46 6.50 3.48
N ALA A 154 7.64 7.79 3.30
CA ALA A 154 7.69 8.36 1.99
C ALA A 154 8.82 7.72 1.17
N LEU A 155 9.99 7.72 1.76
CA LEU A 155 11.18 7.29 1.08
C LEU A 155 11.16 5.83 0.77
N TYR A 156 10.64 5.03 1.70
CA TYR A 156 10.61 3.57 1.57
C TYR A 156 9.56 3.13 0.58
N THR A 157 8.37 3.72 0.67
CA THR A 157 7.34 3.44 -0.31
C THR A 157 7.75 3.85 -1.74
N ALA A 158 8.52 4.92 -1.88
CA ALA A 158 9.07 5.27 -3.20
C ALA A 158 9.96 4.14 -3.73
N LEU A 159 10.73 3.51 -2.84
CA LEU A 159 11.59 2.38 -3.23
C LEU A 159 10.83 1.12 -3.60
N VAL A 160 9.71 0.85 -2.92
CA VAL A 160 8.85 -0.27 -3.27
C VAL A 160 8.33 -0.12 -4.69
N LEU A 161 7.83 1.08 -4.98
CA LEU A 161 7.26 1.36 -6.28
C LEU A 161 8.27 1.24 -7.37
N ILE A 162 9.46 1.79 -7.13
CA ILE A 162 10.49 1.95 -8.16
C ILE A 162 11.49 0.84 -8.06
N ASN A 163 11.03 -0.33 -8.49
CA ASN A 163 11.77 -1.56 -8.46
C ASN A 163 12.16 -1.95 -9.89
N ALA A 164 13.46 -2.05 -10.13
CA ALA A 164 13.98 -2.28 -11.45
C ALA A 164 14.05 -3.75 -11.77
N HIS A 165 13.66 -4.60 -10.83
CA HIS A 165 13.58 -6.03 -11.09
C HIS A 165 12.21 -6.53 -11.61
N ARG A 166 11.21 -5.66 -11.68
CA ARG A 166 9.90 -6.07 -12.20
C ARG A 166 10.00 -6.65 -13.60
N PRO A 167 9.45 -7.85 -13.82
CA PRO A 167 9.28 -8.34 -15.18
C PRO A 167 8.40 -7.47 -16.05
N GLY A 168 8.87 -7.18 -17.25
CA GLY A 168 8.08 -6.50 -18.26
C GLY A 168 8.57 -5.14 -18.63
N LEU A 169 9.52 -4.64 -17.84
CA LEU A 169 10.08 -3.31 -18.02
C LEU A 169 10.94 -3.35 -19.26
N GLN A 170 10.76 -2.34 -20.11
CA GLN A 170 11.50 -2.28 -21.37
C GLN A 170 12.76 -1.48 -21.19
N GLU A 171 12.61 -0.29 -20.65
CA GLU A 171 13.74 0.55 -20.33
C GLU A 171 14.11 0.27 -18.89
N LYS A 172 14.75 -0.88 -18.71
CA LYS A 172 15.21 -1.37 -17.43
C LYS A 172 16.29 -0.50 -16.74
N ARG A 173 17.23 0.05 -17.50
CA ARG A 173 18.37 0.78 -16.90
C ARG A 173 17.94 2.16 -16.37
N LYS A 174 17.00 2.80 -17.05
CA LYS A 174 16.40 4.04 -16.56
C LYS A 174 15.68 3.85 -15.24
N VAL A 175 15.18 2.65 -14.96
CA VAL A 175 14.59 2.39 -13.67
C VAL A 175 15.66 2.19 -12.60
N GLU A 176 16.75 1.51 -12.95
CA GLU A 176 17.90 1.35 -12.06
C GLU A 176 18.51 2.69 -11.64
N GLN A 177 18.67 3.63 -12.57
CA GLN A 177 19.16 4.97 -12.25
C GLN A 177 18.26 5.66 -11.24
N LEU A 178 16.96 5.53 -11.46
CA LEU A 178 15.99 6.15 -10.58
C LEU A 178 15.96 5.44 -9.23
N GLN A 179 15.98 4.11 -9.25
CA GLN A 179 16.03 3.33 -8.03
C GLN A 179 17.23 3.76 -7.24
N TYR A 180 18.39 3.80 -7.89
CA TYR A 180 19.63 3.96 -7.16
C TYR A 180 19.68 5.30 -6.46
N ASN A 181 19.19 6.32 -7.16
CA ASN A 181 19.11 7.65 -6.59
C ASN A 181 18.24 7.67 -5.38
N LEU A 182 17.15 6.89 -5.41
CA LEU A 182 16.24 6.80 -4.27
C LEU A 182 16.79 5.91 -3.15
N GLU A 183 17.52 4.85 -3.50
CA GLU A 183 18.25 4.07 -2.47
C GLU A 183 19.12 5.02 -1.67
N LEU A 184 19.88 5.86 -2.37
CA LEU A 184 20.75 6.85 -1.73
C LEU A 184 20.06 7.88 -0.85
N ALA A 185 18.97 8.43 -1.36
CA ALA A 185 18.23 9.48 -0.66
C ALA A 185 17.75 8.95 0.68
N PHE A 186 17.08 7.81 0.60
CA PHE A 186 16.64 7.04 1.77
C PHE A 186 17.76 6.74 2.75
N HIS A 187 18.86 6.20 2.27
CA HIS A 187 19.97 5.81 3.16
C HIS A 187 20.65 7.07 3.74
N HIS A 188 20.78 8.11 2.94
CA HIS A 188 21.30 9.35 3.46
C HIS A 188 20.44 9.87 4.61
N HIS A 189 19.13 9.89 4.42
CA HIS A 189 18.22 10.40 5.42
C HIS A 189 18.30 9.60 6.73
N LEU A 190 18.34 8.27 6.62
CA LEU A 190 18.57 7.40 7.79
C LEU A 190 19.93 7.67 8.46
N CYS A 191 20.94 7.96 7.65
CA CYS A 191 22.23 8.34 8.21
C CYS A 191 22.10 9.66 9.00
N LYS A 192 21.64 10.74 8.35
CA LYS A 192 21.33 12.05 9.01
C LYS A 192 20.49 11.95 10.33
N THR A 193 19.44 11.13 10.33
CA THR A 193 18.56 11.02 11.49
C THR A 193 18.93 9.85 12.44
N HIS A 194 20.09 9.25 12.24
CA HIS A 194 20.51 8.14 13.10
C HIS A 194 19.57 6.92 13.14
N ARG A 195 19.12 6.49 11.96
CA ARG A 195 18.13 5.44 11.87
C ARG A 195 18.55 4.22 11.01
N GLN A 196 19.84 4.06 10.74
CA GLN A 196 20.29 2.94 9.91
C GLN A 196 20.05 1.57 10.55
N SER A 197 19.84 1.56 11.86
CA SER A 197 19.48 0.32 12.55
C SER A 197 18.20 -0.32 11.94
N ILE A 198 17.24 0.49 11.48
CA ILE A 198 16.00 -0.07 10.92
C ILE A 198 16.21 -0.89 9.62
N LEU A 199 17.30 -0.69 8.89
CA LEU A 199 17.54 -1.44 7.65
C LEU A 199 17.46 -2.96 7.82
N ALA A 200 18.23 -3.46 8.79
CA ALA A 200 18.25 -4.88 9.09
C ALA A 200 16.89 -5.38 9.46
N LYS A 201 16.06 -4.54 10.07
CA LYS A 201 14.70 -4.94 10.51
C LYS A 201 13.60 -4.80 9.41
N LEU A 202 13.93 -4.33 8.20
CA LEU A 202 12.86 -4.13 7.20
C LEU A 202 12.44 -5.48 6.65
N PRO A 203 11.20 -5.60 6.15
CA PRO A 203 10.68 -6.83 5.57
C PRO A 203 11.49 -7.35 4.39
N PRO A 204 11.64 -8.69 4.27
CA PRO A 204 12.28 -9.27 3.08
C PRO A 204 11.45 -8.98 1.81
N LYS A 205 12.10 -8.73 0.66
CA LYS A 205 11.37 -8.37 -0.60
C LYS A 205 10.30 -9.43 -0.96
N GLY A 206 10.63 -10.68 -0.62
CA GLY A 206 9.65 -11.75 -0.57
C GLY A 206 8.33 -11.44 0.12
N LYS A 207 8.35 -10.79 1.26
CA LYS A 207 7.14 -10.69 2.06
C LYS A 207 5.97 -9.93 1.38
N LEU A 208 6.28 -8.83 0.71
CA LEU A 208 5.27 -8.09 -0.03
C LEU A 208 4.77 -8.82 -1.24
N ARG A 209 5.62 -9.59 -1.92
CA ARG A 209 5.19 -10.40 -3.03
C ARG A 209 4.21 -11.48 -2.53
N SER A 210 4.55 -12.12 -1.41
CA SER A 210 3.72 -13.15 -0.80
C SER A 210 2.31 -12.67 -0.49
N LEU A 211 2.19 -11.50 0.16
CA LEU A 211 0.88 -11.00 0.55
C LEU A 211 0.06 -10.59 -0.66
N CYS A 212 0.70 -9.96 -1.63
CA CYS A 212 0.07 -9.66 -2.91
C CYS A 212 -0.43 -10.92 -3.57
N SER A 213 0.34 -11.99 -3.45
CA SER A 213 -0.08 -13.28 -3.95
C SER A 213 -1.28 -13.90 -3.25
N GLN A 214 -1.30 -13.85 -1.93
CA GLN A 214 -2.41 -14.40 -1.18
C GLN A 214 -3.65 -13.64 -1.61
N HIS A 215 -3.50 -12.34 -1.81
CA HIS A 215 -4.65 -11.55 -2.17
C HIS A 215 -5.22 -12.04 -3.50
N VAL A 216 -4.34 -12.19 -4.49
CA VAL A 216 -4.78 -12.65 -5.80
C VAL A 216 -5.40 -14.04 -5.68
N GLU A 217 -4.80 -14.96 -4.93
CA GLU A 217 -5.35 -16.30 -4.75
C GLU A 217 -6.75 -16.30 -4.12
N ARG A 218 -6.99 -15.50 -3.08
CA ARG A 218 -8.31 -15.48 -2.44
C ARG A 218 -9.35 -14.81 -3.32
N LEU A 219 -8.92 -13.79 -4.06
CA LEU A 219 -9.76 -13.17 -5.07
C LEU A 219 -10.33 -14.17 -6.07
N GLN A 220 -9.49 -15.05 -6.61
CA GLN A 220 -9.87 -16.04 -7.62
C GLN A 220 -10.85 -17.05 -7.08
N ILE A 221 -10.60 -17.51 -5.87
CA ILE A 221 -11.54 -18.37 -5.17
C ILE A 221 -12.90 -17.65 -5.08
N PHE A 222 -12.90 -16.38 -4.76
CA PHE A 222 -14.16 -15.64 -4.57
C PHE A 222 -14.85 -15.42 -5.90
N GLN A 223 -14.03 -15.06 -6.88
CA GLN A 223 -14.52 -14.71 -8.18
C GLN A 223 -15.17 -15.95 -8.76
N HIS A 224 -14.52 -17.10 -8.53
CA HIS A 224 -14.99 -18.35 -9.13
C HIS A 224 -16.35 -18.80 -8.59
N LEU A 225 -16.68 -18.38 -7.37
CA LEU A 225 -17.96 -18.68 -6.77
C LEU A 225 -18.97 -17.52 -6.91
N HIS A 226 -18.55 -16.43 -7.51
CA HIS A 226 -19.39 -15.27 -7.67
C HIS A 226 -18.89 -14.48 -8.87
N PRO A 227 -18.97 -15.09 -10.05
CA PRO A 227 -18.39 -14.40 -11.18
C PRO A 227 -19.06 -13.06 -11.49
N ILE A 228 -20.38 -13.00 -11.32
CA ILE A 228 -21.14 -11.86 -11.79
C ILE A 228 -21.01 -10.68 -10.82
N VAL A 229 -20.82 -10.98 -9.55
CA VAL A 229 -20.63 -9.94 -8.54
C VAL A 229 -19.34 -9.17 -8.78
N VAL A 230 -18.31 -9.89 -9.23
CA VAL A 230 -17.03 -9.25 -9.58
C VAL A 230 -17.29 -8.42 -10.83
N GLN A 231 -17.83 -9.07 -11.84
CA GLN A 231 -18.15 -8.42 -13.11
C GLN A 231 -19.00 -7.17 -12.93
N ALA A 232 -19.98 -7.21 -12.02
CA ALA A 232 -20.98 -6.15 -11.92
C ALA A 232 -20.80 -5.15 -10.79
N ALA A 233 -20.13 -5.53 -9.71
CA ALA A 233 -20.04 -4.67 -8.53
C ALA A 233 -18.64 -4.34 -8.08
N PHE A 234 -17.61 -4.85 -8.76
CA PHE A 234 -16.22 -4.52 -8.36
C PHE A 234 -15.62 -3.35 -9.15
N PRO A 235 -14.94 -2.43 -8.48
CA PRO A 235 -14.40 -1.27 -9.20
C PRO A 235 -13.57 -1.69 -10.38
N PRO A 236 -13.78 -1.07 -11.53
CA PRO A 236 -12.94 -1.39 -12.71
C PRO A 236 -11.44 -1.49 -12.38
N LEU A 237 -10.86 -0.46 -11.75
CA LEU A 237 -9.42 -0.44 -11.43
C LEU A 237 -8.96 -1.61 -10.59
N TYR A 238 -9.80 -2.02 -9.65
CA TYR A 238 -9.50 -3.22 -8.87
C TYR A 238 -9.35 -4.42 -9.78
N LYS A 239 -10.27 -4.54 -10.73
CA LYS A 239 -10.25 -5.64 -11.69
C LYS A 239 -9.10 -5.56 -12.67
N GLU A 240 -8.76 -4.34 -13.08
CA GLU A 240 -7.60 -4.11 -13.93
C GLU A 240 -6.36 -4.58 -13.21
N LEU A 241 -6.24 -4.25 -11.93
CA LEU A 241 -5.02 -4.60 -11.22
C LEU A 241 -5.00 -6.03 -10.85
N PHE A 242 -6.09 -6.56 -10.35
CA PHE A 242 -6.03 -7.87 -9.70
C PHE A 242 -6.67 -9.03 -10.47
N SER A 243 -7.30 -8.78 -11.62
CA SER A 243 -7.73 -9.87 -12.55
C SER A 243 -6.87 -9.91 -13.81
N LYS B 1 -7.38 -0.77 -19.78
CA LYS B 1 -8.16 0.48 -20.02
C LYS B 1 -7.92 1.54 -18.92
N ILE B 2 -8.27 1.27 -17.67
CA ILE B 2 -8.39 2.33 -16.62
C ILE B 2 -7.09 3.07 -16.22
N LEU B 3 -6.01 2.33 -16.07
CA LEU B 3 -4.76 2.86 -15.50
C LEU B 3 -4.07 3.86 -16.46
N HIS B 4 -4.07 3.52 -17.75
CA HIS B 4 -3.67 4.40 -18.86
C HIS B 4 -4.37 5.75 -18.80
N ARG B 5 -5.65 5.76 -18.41
CA ARG B 5 -6.50 6.97 -18.42
C ARG B 5 -6.13 7.86 -17.26
N LEU B 6 -5.97 7.26 -16.08
CA LEU B 6 -5.53 7.98 -14.87
C LEU B 6 -4.14 8.60 -15.03
N LEU B 7 -3.32 8.02 -15.89
CA LEU B 7 -1.94 8.48 -16.06
C LEU B 7 -1.77 9.62 -17.04
N GLN B 8 -2.77 9.88 -17.88
CA GLN B 8 -2.70 10.96 -18.88
C GLN B 8 -3.66 12.08 -18.51
#